data_3Q0X
#
_entry.id   3Q0X
#
_cell.length_a   72.520
_cell.length_b   79.800
_cell.length_c   89.280
_cell.angle_alpha   90.000
_cell.angle_beta   90.000
_cell.angle_gamma   90.000
#
_symmetry.space_group_name_H-M   'P 21 21 21'
#
loop_
_entity.id
_entity.type
_entity.pdbx_description
1 polymer 'Centriole protein'
2 water water
#
_entity_poly.entity_id   1
_entity_poly.type   'polypeptide(L)'
_entity_poly.pdbx_seq_one_letter_code
;GSMPLLLDDGDPKAQTGFDLSTATTLFWRPVPVHVKQQDREDVLEELTFRILTGVAKQNHNLRILRIHISSDSDLFFLHT
LEVSEEDFQSLKNDQGILVDFASFPGKIISLLEKCILAQPGDSPRFQAVLTIRGGESVFKIVEINDEKQLPHITLAFRPG
NDSVVKQFLAFRLSEVKGTCHDLSDDLSRTRDDRDSMVAQLAQCRQQLAQLREQYDKHLLEVQAQAKT
;
_entity_poly.pdbx_strand_id   A,B
#
# COMPACT_ATOMS: atom_id res chain seq x y z
N PHE A 18 -14.11 -5.46 -17.52
CA PHE A 18 -12.73 -5.78 -17.85
C PHE A 18 -12.00 -6.57 -16.75
N ASP A 19 -11.61 -7.82 -17.11
CA ASP A 19 -10.92 -8.82 -16.31
C ASP A 19 -9.63 -8.07 -15.86
N LEU A 20 -9.51 -7.80 -14.53
CA LEU A 20 -8.28 -7.27 -13.90
C LEU A 20 -7.43 -8.44 -13.34
N SER A 21 -8.04 -9.66 -13.27
CA SER A 21 -7.38 -10.89 -12.81
C SER A 21 -6.47 -11.49 -13.90
N THR A 22 -7.00 -11.66 -15.14
CA THR A 22 -6.27 -12.22 -16.29
C THR A 22 -5.49 -11.15 -17.09
N ALA A 23 -5.53 -9.87 -16.61
CA ALA A 23 -4.86 -8.70 -17.20
C ALA A 23 -3.34 -8.87 -17.31
N THR A 24 -2.71 -8.09 -18.22
CA THR A 24 -1.27 -8.10 -18.46
C THR A 24 -0.73 -6.68 -18.55
N THR A 25 0.28 -6.33 -17.74
CA THR A 25 0.91 -5.01 -17.82
C THR A 25 1.95 -5.05 -18.97
N LEU A 26 1.84 -4.11 -19.93
CA LEU A 26 2.79 -4.05 -21.04
C LEU A 26 3.78 -2.93 -20.79
N PHE A 27 3.33 -1.86 -20.11
CA PHE A 27 4.14 -0.71 -19.75
C PHE A 27 3.73 -0.25 -18.38
N TRP A 28 4.69 0.27 -17.60
CA TRP A 28 4.45 0.81 -16.26
C TRP A 28 5.64 1.63 -15.79
N ARG A 29 5.66 2.92 -16.10
CA ARG A 29 6.79 3.82 -15.81
C ARG A 29 6.34 5.27 -15.68
N PRO A 30 7.10 6.11 -14.94
CA PRO A 30 6.78 7.53 -14.88
C PRO A 30 7.34 8.26 -16.12
N VAL A 31 6.52 9.15 -16.70
CA VAL A 31 6.83 9.93 -17.90
C VAL A 31 6.74 11.42 -17.54
N PRO A 32 7.65 12.29 -18.06
CA PRO A 32 7.51 13.72 -17.76
C PRO A 32 6.44 14.36 -18.63
N VAL A 33 5.32 14.75 -18.00
CA VAL A 33 4.14 15.31 -18.67
C VAL A 33 3.94 16.81 -18.35
N HIS A 34 3.52 17.58 -19.36
CA HIS A 34 3.18 19.00 -19.26
C HIS A 34 1.69 19.09 -19.07
N VAL A 35 1.27 19.29 -17.83
CA VAL A 35 -0.14 19.35 -17.49
C VAL A 35 -0.72 20.77 -17.57
N LYS A 36 -1.74 20.93 -18.42
CA LYS A 36 -2.43 22.18 -18.70
C LYS A 36 -3.88 22.08 -18.23
N GLN A 37 -4.24 22.87 -17.23
CA GLN A 37 -5.58 22.86 -16.66
C GLN A 37 -6.28 24.21 -16.86
N GLN A 38 -7.61 24.15 -17.13
CA GLN A 38 -8.51 25.29 -17.30
C GLN A 38 -8.69 25.94 -15.91
N ASP A 39 -8.24 27.20 -15.78
CA ASP A 39 -8.23 28.08 -14.62
C ASP A 39 -7.02 27.96 -13.68
N ARG A 40 -6.10 27.02 -13.95
CA ARG A 40 -4.88 26.81 -13.16
C ARG A 40 -3.63 27.02 -14.05
N GLU A 41 -2.44 27.21 -13.43
CA GLU A 41 -1.17 27.41 -14.15
C GLU A 41 -0.55 26.08 -14.67
N ASP A 42 0.13 26.17 -15.84
CA ASP A 42 0.82 25.06 -16.50
C ASP A 42 1.91 24.50 -15.57
N VAL A 43 2.07 23.17 -15.52
CA VAL A 43 3.09 22.53 -14.68
C VAL A 43 3.70 21.26 -15.31
N LEU A 44 5.01 21.09 -15.12
CA LEU A 44 5.71 19.91 -15.58
C LEU A 44 5.79 18.92 -14.42
N GLU A 45 4.93 17.89 -14.49
CA GLU A 45 4.86 16.82 -13.50
C GLU A 45 5.34 15.46 -14.07
N GLU A 46 5.73 14.55 -13.18
CA GLU A 46 6.18 13.23 -13.55
C GLU A 46 4.97 12.35 -13.27
N LEU A 47 4.28 11.86 -14.32
CA LEU A 47 3.10 11.02 -14.12
C LEU A 47 3.30 9.55 -14.48
N THR A 48 2.71 8.65 -13.70
CA THR A 48 2.82 7.20 -13.91
C THR A 48 1.88 6.73 -15.01
N PHE A 49 2.42 5.99 -15.98
CA PHE A 49 1.67 5.43 -17.09
C PHE A 49 1.68 3.95 -16.99
N ARG A 50 0.50 3.32 -17.02
CA ARG A 50 0.40 1.85 -16.98
C ARG A 50 -0.51 1.37 -18.09
N ILE A 51 0.03 0.50 -18.92
CA ILE A 51 -0.70 -0.04 -20.06
C ILE A 51 -0.97 -1.49 -19.77
N LEU A 52 -2.25 -1.84 -19.77
CA LEU A 52 -2.78 -3.16 -19.50
C LEU A 52 -3.61 -3.68 -20.65
N THR A 53 -3.58 -5.00 -20.88
CA THR A 53 -4.39 -5.68 -21.89
C THR A 53 -4.97 -6.97 -21.32
N GLY A 54 -6.25 -7.20 -21.62
CA GLY A 54 -6.98 -8.38 -21.19
C GLY A 54 -8.26 -8.60 -21.96
N VAL A 55 -9.32 -9.06 -21.27
CA VAL A 55 -10.64 -9.36 -21.81
C VAL A 55 -11.76 -8.78 -20.95
N ALA A 56 -13.01 -8.85 -21.44
CA ALA A 56 -14.21 -8.40 -20.73
C ALA A 56 -14.74 -9.55 -19.88
N LYS A 57 -15.32 -9.23 -18.70
CA LYS A 57 -15.93 -10.24 -17.81
C LYS A 57 -17.14 -10.87 -18.56
N GLN A 58 -18.03 -9.99 -19.09
CA GLN A 58 -19.23 -10.33 -19.86
C GLN A 58 -18.96 -11.26 -21.04
N ASN A 59 -17.92 -10.93 -21.85
CA ASN A 59 -17.51 -11.71 -23.02
C ASN A 59 -16.00 -11.95 -23.03
N HIS A 60 -15.59 -13.22 -22.85
CA HIS A 60 -14.19 -13.63 -22.84
C HIS A 60 -13.53 -13.57 -24.25
N ASN A 61 -14.33 -13.25 -25.30
CA ASN A 61 -13.89 -13.12 -26.69
C ASN A 61 -13.53 -11.67 -27.07
N LEU A 62 -13.94 -10.67 -26.23
CA LEU A 62 -13.68 -9.23 -26.42
C LEU A 62 -12.39 -8.74 -25.73
N ARG A 63 -11.33 -8.53 -26.55
CA ARG A 63 -10.02 -8.01 -26.14
C ARG A 63 -10.19 -6.53 -25.79
N ILE A 64 -9.55 -6.08 -24.70
CA ILE A 64 -9.60 -4.68 -24.24
C ILE A 64 -8.22 -4.18 -23.85
N LEU A 65 -7.95 -2.87 -24.15
CA LEU A 65 -6.76 -2.10 -23.78
C LEU A 65 -7.16 -0.97 -22.80
N ARG A 66 -6.46 -0.87 -21.66
CA ARG A 66 -6.69 0.17 -20.66
C ARG A 66 -5.36 0.85 -20.34
N ILE A 67 -5.38 2.19 -20.17
CA ILE A 67 -4.23 3.02 -19.86
C ILE A 67 -4.64 3.90 -18.70
N HIS A 68 -3.82 3.96 -17.63
CA HIS A 68 -4.06 4.80 -16.45
C HIS A 68 -2.97 5.87 -16.32
N ILE A 69 -3.36 7.13 -16.10
CA ILE A 69 -2.42 8.22 -15.81
C ILE A 69 -2.68 8.59 -14.34
N SER A 70 -1.67 8.42 -13.48
CA SER A 70 -1.75 8.74 -12.05
C SER A 70 -0.50 9.48 -11.57
N SER A 71 -0.51 9.95 -10.30
CA SER A 71 0.59 10.64 -9.65
C SER A 71 0.93 9.98 -8.33
N ASP A 72 2.22 9.86 -8.00
CA ASP A 72 2.67 9.30 -6.72
C ASP A 72 2.63 10.40 -5.64
N SER A 73 2.48 11.66 -6.08
CA SER A 73 2.40 12.87 -5.26
C SER A 73 0.93 13.28 -4.94
N ASP A 74 -0.04 12.96 -5.84
CA ASP A 74 -1.48 13.17 -5.63
C ASP A 74 -2.16 11.82 -5.83
N LEU A 75 -2.54 11.20 -4.70
CA LEU A 75 -3.16 9.87 -4.67
C LEU A 75 -4.60 9.84 -5.14
N PHE A 76 -5.19 11.01 -5.42
CA PHE A 76 -6.56 11.13 -5.90
C PHE A 76 -6.62 11.38 -7.40
N PHE A 77 -5.49 11.89 -7.99
CA PHE A 77 -5.35 12.15 -9.43
C PHE A 77 -5.33 10.85 -10.18
N LEU A 78 -6.23 10.74 -11.16
CA LEU A 78 -6.35 9.60 -12.05
C LEU A 78 -7.10 10.02 -13.32
N HIS A 79 -6.61 9.57 -14.48
CA HIS A 79 -7.21 9.79 -15.80
C HIS A 79 -7.08 8.49 -16.50
N THR A 80 -8.20 7.98 -17.03
CA THR A 80 -8.22 6.68 -17.68
C THR A 80 -8.68 6.70 -19.13
N LEU A 81 -8.23 5.70 -19.93
CA LEU A 81 -8.61 5.45 -21.33
C LEU A 81 -8.88 3.96 -21.45
N GLU A 82 -9.97 3.57 -22.15
CA GLU A 82 -10.34 2.17 -22.32
C GLU A 82 -10.97 1.93 -23.68
N VAL A 83 -10.36 1.02 -24.46
CA VAL A 83 -10.81 0.69 -25.81
C VAL A 83 -10.77 -0.82 -26.04
N SER A 84 -11.92 -1.36 -26.47
CA SER A 84 -12.13 -2.77 -26.81
C SER A 84 -11.72 -2.98 -28.26
N GLU A 85 -11.38 -4.23 -28.65
CA GLU A 85 -10.98 -4.60 -30.03
C GLU A 85 -12.00 -4.06 -31.05
N GLU A 86 -13.30 -4.09 -30.65
CA GLU A 86 -14.47 -3.61 -31.39
C GLU A 86 -14.43 -2.07 -31.56
N ASP A 87 -14.40 -1.32 -30.43
CA ASP A 87 -14.39 0.15 -30.38
C ASP A 87 -13.19 0.83 -31.03
N PHE A 88 -12.11 0.05 -31.31
CA PHE A 88 -10.85 0.53 -31.91
C PHE A 88 -11.00 1.24 -33.23
N GLN A 89 -11.80 0.66 -34.17
CA GLN A 89 -12.02 1.23 -35.52
C GLN A 89 -12.47 2.71 -35.53
N SER A 90 -13.35 3.13 -34.58
CA SER A 90 -13.76 4.55 -34.45
C SER A 90 -12.56 5.41 -34.07
N LEU A 91 -11.81 4.99 -33.02
CA LEU A 91 -10.59 5.63 -32.52
C LEU A 91 -9.57 5.77 -33.67
N LYS A 92 -9.39 4.68 -34.48
CA LYS A 92 -8.50 4.60 -35.64
C LYS A 92 -8.88 5.62 -36.74
N ASN A 93 -10.21 5.74 -37.09
CA ASN A 93 -10.69 6.67 -38.12
C ASN A 93 -10.59 8.12 -37.66
N ASP A 94 -11.01 8.41 -36.40
CA ASP A 94 -10.96 9.77 -35.86
C ASP A 94 -9.51 10.23 -35.52
N GLN A 95 -8.47 9.69 -36.24
CA GLN A 95 -7.04 9.91 -35.96
C GLN A 95 -6.06 9.72 -37.11
N GLY A 96 -6.32 8.72 -37.95
CA GLY A 96 -5.46 8.36 -39.07
C GLY A 96 -4.45 7.28 -38.72
N ILE A 97 -4.52 6.73 -37.45
CA ILE A 97 -3.64 5.67 -36.93
C ILE A 97 -3.58 4.51 -37.91
N LEU A 98 -2.40 4.30 -38.51
CA LEU A 98 -2.17 3.25 -39.51
C LEU A 98 -2.28 1.85 -38.90
N VAL A 99 -1.68 1.67 -37.72
CA VAL A 99 -1.62 0.41 -36.96
C VAL A 99 -2.98 -0.19 -36.57
N ASP A 100 -3.02 -1.51 -36.39
CA ASP A 100 -4.20 -2.24 -35.94
C ASP A 100 -4.26 -2.22 -34.39
N PHE A 101 -5.29 -2.85 -33.80
CA PHE A 101 -5.46 -2.92 -32.35
C PHE A 101 -4.27 -3.60 -31.66
N ALA A 102 -3.91 -4.80 -32.07
CA ALA A 102 -2.77 -5.52 -31.47
C ALA A 102 -1.48 -4.70 -31.51
N SER A 103 -1.26 -3.94 -32.60
CA SER A 103 -0.07 -3.09 -32.78
C SER A 103 -0.10 -1.76 -31.97
N PHE A 104 -1.31 -1.25 -31.65
CA PHE A 104 -1.53 0.01 -30.93
C PHE A 104 -0.76 0.24 -29.62
N PRO A 105 -0.71 -0.69 -28.64
CA PRO A 105 0.07 -0.42 -27.42
C PRO A 105 1.56 -0.19 -27.69
N GLY A 106 2.12 -0.91 -28.68
CA GLY A 106 3.50 -0.77 -29.11
C GLY A 106 3.84 0.61 -29.62
N LYS A 107 2.89 1.23 -30.39
CA LYS A 107 3.00 2.60 -30.93
C LYS A 107 3.03 3.55 -29.75
N ILE A 108 2.17 3.32 -28.74
CA ILE A 108 2.07 4.14 -27.53
C ILE A 108 3.36 4.07 -26.71
N ILE A 109 3.88 2.84 -26.48
CA ILE A 109 5.11 2.62 -25.70
C ILE A 109 6.31 3.38 -26.28
N SER A 110 6.63 3.16 -27.56
CA SER A 110 7.75 3.82 -28.23
C SER A 110 7.70 5.33 -28.10
N LEU A 111 6.49 5.91 -28.17
CA LEU A 111 6.28 7.34 -28.06
C LEU A 111 6.52 7.80 -26.60
N LEU A 112 6.02 7.03 -25.63
CA LEU A 112 6.25 7.32 -24.22
C LEU A 112 7.73 7.21 -23.86
N GLU A 113 8.48 6.29 -24.51
CA GLU A 113 9.93 6.08 -24.31
C GLU A 113 10.65 7.30 -24.78
N LYS A 114 10.24 7.83 -25.96
CA LYS A 114 10.83 9.03 -26.54
C LYS A 114 10.74 10.18 -25.57
N CYS A 115 9.55 10.42 -24.97
CA CYS A 115 9.33 11.48 -23.99
C CYS A 115 10.18 11.28 -22.77
N ILE A 116 10.28 10.02 -22.30
CA ILE A 116 11.09 9.64 -21.14
C ILE A 116 12.56 10.00 -21.34
N LEU A 117 13.12 9.66 -22.52
CA LEU A 117 14.52 9.88 -22.87
C LEU A 117 14.87 11.28 -23.34
N ALA A 118 13.86 12.12 -23.65
CA ALA A 118 14.11 13.49 -24.15
C ALA A 118 14.96 14.29 -23.17
N GLN A 119 15.95 15.01 -23.72
CA GLN A 119 16.91 15.83 -22.99
C GLN A 119 16.69 17.33 -23.29
N PRO A 120 17.09 18.27 -22.38
CA PRO A 120 16.77 19.70 -22.59
C PRO A 120 17.09 20.35 -23.95
N GLY A 121 18.33 20.20 -24.42
CA GLY A 121 18.72 20.82 -25.66
C GLY A 121 18.25 20.17 -26.95
N ASP A 122 17.46 19.09 -26.84
CA ASP A 122 16.93 18.34 -27.99
C ASP A 122 16.06 19.21 -28.91
N SER A 123 16.09 18.84 -30.20
CA SER A 123 15.35 19.40 -31.33
C SER A 123 15.71 18.49 -32.53
N PRO A 124 14.79 17.63 -33.03
CA PRO A 124 13.37 17.44 -32.63
C PRO A 124 13.22 16.92 -31.19
N ARG A 125 12.38 17.59 -30.39
CA ARG A 125 12.11 17.23 -29.00
C ARG A 125 10.71 16.61 -28.84
N PHE A 126 10.63 15.42 -28.22
CA PHE A 126 9.37 14.74 -27.96
C PHE A 126 8.83 15.15 -26.60
N GLN A 127 7.57 15.62 -26.59
CA GLN A 127 6.91 16.14 -25.39
C GLN A 127 5.49 15.60 -25.17
N ALA A 128 5.20 15.12 -23.95
CA ALA A 128 3.89 14.62 -23.57
C ALA A 128 3.07 15.75 -22.97
N VAL A 129 1.81 15.90 -23.41
CA VAL A 129 0.93 16.97 -22.94
C VAL A 129 -0.43 16.43 -22.50
N LEU A 130 -0.88 16.81 -21.29
CA LEU A 130 -2.20 16.46 -20.78
C LEU A 130 -2.97 17.73 -20.51
N THR A 131 -4.03 17.96 -21.28
CA THR A 131 -4.88 19.13 -21.17
C THR A 131 -6.19 18.77 -20.46
N ILE A 132 -6.47 19.42 -19.32
CA ILE A 132 -7.71 19.20 -18.57
C ILE A 132 -8.73 20.38 -18.74
N ARG A 133 -9.90 20.08 -19.35
CA ARG A 133 -10.98 21.03 -19.63
C ARG A 133 -12.11 20.89 -18.62
N GLY A 134 -12.05 19.83 -17.81
CA GLY A 134 -13.08 19.54 -16.83
C GLY A 134 -14.04 18.57 -17.47
N GLY A 135 -14.19 17.41 -16.83
CA GLY A 135 -15.01 16.30 -17.29
C GLY A 135 -14.35 15.46 -18.37
N GLU A 136 -13.42 16.07 -19.10
CA GLU A 136 -12.69 15.45 -20.19
C GLU A 136 -11.27 15.99 -20.18
N SER A 137 -10.32 15.18 -20.69
CA SER A 137 -8.91 15.52 -20.80
C SER A 137 -8.29 14.91 -22.05
N VAL A 138 -7.36 15.64 -22.67
CA VAL A 138 -6.72 15.18 -23.91
C VAL A 138 -5.23 14.99 -23.71
N PHE A 139 -4.74 13.76 -23.97
CA PHE A 139 -3.33 13.44 -23.90
C PHE A 139 -2.71 13.38 -25.29
N LYS A 140 -1.69 14.20 -25.58
CA LYS A 140 -1.00 14.17 -26.86
C LYS A 140 0.51 14.07 -26.70
N ILE A 141 1.19 13.42 -27.66
CA ILE A 141 2.64 13.31 -27.72
C ILE A 141 3.03 14.03 -28.98
N VAL A 142 3.78 15.11 -28.83
CA VAL A 142 4.17 16.01 -29.92
C VAL A 142 5.69 16.06 -30.19
N GLU A 143 6.05 16.26 -31.47
CA GLU A 143 7.43 16.40 -31.90
C GLU A 143 7.60 17.87 -32.18
N ILE A 144 8.56 18.50 -31.49
CA ILE A 144 8.91 19.92 -31.63
C ILE A 144 10.30 20.16 -32.30
N ASN A 145 10.26 20.61 -33.56
CA ASN A 145 11.44 20.98 -34.34
C ASN A 145 11.43 22.52 -34.50
N ASP A 146 12.11 23.21 -33.55
CA ASP A 146 12.23 24.66 -33.40
C ASP A 146 10.76 25.14 -33.20
N GLU A 147 10.23 25.92 -34.17
CA GLU A 147 8.87 26.44 -34.14
C GLU A 147 7.74 25.41 -34.24
N LYS A 148 7.71 24.61 -35.36
CA LYS A 148 6.71 23.57 -35.70
C LYS A 148 6.54 22.39 -34.69
N GLN A 149 5.28 22.19 -34.25
CA GLN A 149 4.82 21.16 -33.32
C GLN A 149 3.91 20.13 -34.07
N LEU A 150 4.41 18.88 -34.25
CA LEU A 150 3.69 17.82 -34.97
C LEU A 150 3.28 16.66 -34.08
N PRO A 151 1.96 16.45 -33.88
CA PRO A 151 1.51 15.37 -32.98
C PRO A 151 1.60 13.99 -33.59
N HIS A 152 2.14 13.05 -32.80
CA HIS A 152 2.31 11.66 -33.19
C HIS A 152 1.16 10.81 -32.72
N ILE A 153 0.55 11.21 -31.60
CA ILE A 153 -0.63 10.58 -30.99
C ILE A 153 -1.38 11.61 -30.18
N THR A 154 -2.71 11.50 -30.23
CA THR A 154 -3.67 12.34 -29.51
C THR A 154 -4.74 11.38 -29.04
N LEU A 155 -4.95 11.33 -27.71
CA LEU A 155 -5.89 10.42 -27.06
C LEU A 155 -6.87 11.13 -26.14
N ALA A 156 -8.05 10.50 -25.94
CA ALA A 156 -9.11 11.03 -25.10
C ALA A 156 -9.20 10.27 -23.77
N PHE A 157 -8.87 10.99 -22.67
CA PHE A 157 -8.88 10.43 -21.31
C PHE A 157 -9.98 11.02 -20.48
N ARG A 158 -10.58 10.21 -19.61
CA ARG A 158 -11.62 10.69 -18.71
C ARG A 158 -11.06 10.77 -17.30
N PRO A 159 -11.05 11.97 -16.66
CA PRO A 159 -10.58 12.05 -15.25
C PRO A 159 -11.48 11.21 -14.34
N GLY A 160 -10.85 10.46 -13.45
CA GLY A 160 -11.56 9.52 -12.60
C GLY A 160 -12.48 10.14 -11.57
N ASN A 161 -13.67 9.50 -11.39
CA ASN A 161 -14.63 9.96 -10.39
C ASN A 161 -14.37 9.25 -9.04
N ASP A 162 -15.16 9.56 -7.98
CA ASP A 162 -15.02 8.91 -6.67
C ASP A 162 -15.08 7.37 -6.70
N SER A 163 -16.02 6.78 -7.46
CA SER A 163 -16.18 5.33 -7.56
C SER A 163 -15.02 4.64 -8.29
N VAL A 164 -14.49 5.31 -9.33
CA VAL A 164 -13.38 4.78 -10.10
C VAL A 164 -12.04 4.87 -9.37
N VAL A 165 -11.78 6.03 -8.72
CA VAL A 165 -10.58 6.26 -7.93
C VAL A 165 -10.56 5.26 -6.75
N LYS A 166 -11.74 4.98 -6.14
CA LYS A 166 -11.90 4.03 -5.02
C LYS A 166 -11.38 2.64 -5.45
N GLN A 167 -11.90 2.08 -6.55
CA GLN A 167 -11.49 0.78 -7.07
C GLN A 167 -10.00 0.72 -7.38
N PHE A 168 -9.45 1.81 -7.98
CA PHE A 168 -8.04 1.90 -8.35
C PHE A 168 -7.12 1.79 -7.13
N LEU A 169 -7.42 2.56 -6.09
CA LEU A 169 -6.67 2.59 -4.83
C LEU A 169 -6.77 1.27 -4.07
N ALA A 170 -7.89 0.55 -4.19
CA ALA A 170 -8.04 -0.75 -3.56
C ALA A 170 -7.14 -1.76 -4.29
N PHE A 171 -7.02 -1.61 -5.64
CA PHE A 171 -6.18 -2.48 -6.48
C PHE A 171 -4.70 -2.23 -6.14
N ARG A 172 -4.31 -0.95 -6.09
CA ARG A 172 -2.95 -0.51 -5.76
C ARG A 172 -2.53 -0.99 -4.39
N LEU A 173 -3.41 -0.85 -3.40
CA LEU A 173 -3.16 -1.26 -2.02
C LEU A 173 -2.88 -2.76 -1.93
N SER A 174 -3.77 -3.63 -2.46
CA SER A 174 -3.53 -5.07 -2.37
C SER A 174 -2.21 -5.49 -3.05
N GLU A 175 -1.88 -4.82 -4.16
CA GLU A 175 -0.67 -4.97 -4.97
C GLU A 175 0.59 -4.61 -4.16
N VAL A 176 0.62 -3.42 -3.51
CA VAL A 176 1.74 -2.98 -2.65
C VAL A 176 1.82 -3.83 -1.37
N LYS A 177 0.68 -4.09 -0.69
CA LYS A 177 0.60 -4.96 0.49
C LYS A 177 1.29 -6.32 0.21
N GLY A 178 1.15 -6.81 -1.02
CA GLY A 178 1.74 -8.06 -1.47
C GLY A 178 3.24 -8.01 -1.65
N THR A 179 3.73 -6.96 -2.34
CA THR A 179 5.17 -6.82 -2.56
C THR A 179 5.89 -6.46 -1.26
N CYS A 180 5.14 -5.96 -0.28
CA CYS A 180 5.60 -5.63 1.06
C CYS A 180 5.87 -6.95 1.80
N HIS A 181 4.94 -7.93 1.66
CA HIS A 181 5.04 -9.25 2.27
C HIS A 181 6.29 -9.99 1.80
N ASP A 182 6.55 -9.97 0.49
CA ASP A 182 7.70 -10.58 -0.17
C ASP A 182 9.01 -9.98 0.31
N LEU A 183 9.06 -8.64 0.47
CA LEU A 183 10.22 -7.91 0.97
C LEU A 183 10.57 -8.35 2.37
N SER A 184 9.53 -8.46 3.24
CA SER A 184 9.62 -8.92 4.62
C SER A 184 10.25 -10.33 4.68
N ASP A 185 9.79 -11.25 3.80
CA ASP A 185 10.30 -12.63 3.70
C ASP A 185 11.78 -12.70 3.39
N ASP A 186 12.24 -11.89 2.40
CA ASP A 186 13.65 -11.80 2.00
C ASP A 186 14.49 -11.22 3.14
N LEU A 187 13.99 -10.20 3.83
CA LEU A 187 14.67 -9.59 4.96
C LEU A 187 14.85 -10.63 6.08
N SER A 188 13.85 -11.51 6.28
CA SER A 188 13.92 -12.59 7.26
C SER A 188 15.05 -13.55 6.84
N ARG A 189 14.99 -14.09 5.61
CA ARG A 189 15.99 -14.98 5.02
C ARG A 189 17.40 -14.40 5.04
N THR A 190 17.54 -13.09 4.71
CA THR A 190 18.82 -12.37 4.67
C THR A 190 19.39 -12.24 6.07
N ARG A 191 18.54 -11.86 7.04
CA ARG A 191 18.92 -11.70 8.45
C ARG A 191 19.38 -13.04 9.02
N ASP A 192 18.68 -14.14 8.68
CA ASP A 192 19.01 -15.49 9.10
C ASP A 192 20.38 -15.91 8.58
N ASP A 193 20.66 -15.58 7.30
CA ASP A 193 21.93 -15.88 6.66
C ASP A 193 23.04 -15.08 7.30
N ARG A 194 22.84 -13.76 7.51
CA ARG A 194 23.84 -12.89 8.13
C ARG A 194 24.25 -13.47 9.49
N ASP A 195 23.26 -13.84 10.32
CA ASP A 195 23.47 -14.42 11.64
C ASP A 195 24.29 -15.71 11.60
N SER A 196 24.03 -16.58 10.60
CA SER A 196 24.78 -17.80 10.39
C SER A 196 26.25 -17.51 9.99
N MET A 197 26.51 -16.50 9.15
CA MET A 197 27.87 -16.10 8.73
C MET A 197 28.74 -15.64 9.91
N VAL A 198 28.15 -14.88 10.83
CA VAL A 198 28.84 -14.39 12.01
C VAL A 198 29.31 -15.56 12.91
N ALA A 199 28.43 -16.58 13.06
CA ALA A 199 28.71 -17.81 13.80
C ALA A 199 29.87 -18.57 13.13
N GLN A 200 29.86 -18.65 11.78
CA GLN A 200 30.89 -19.30 10.97
C GLN A 200 32.20 -18.54 11.06
N LEU A 201 32.15 -17.18 11.04
CA LEU A 201 33.33 -16.33 11.18
C LEU A 201 33.96 -16.50 12.55
N ALA A 202 33.13 -16.51 13.60
CA ALA A 202 33.57 -16.67 14.98
C ALA A 202 34.24 -18.06 15.21
N GLN A 203 33.66 -19.12 14.61
CA GLN A 203 34.17 -20.48 14.71
C GLN A 203 35.51 -20.58 14.00
N CYS A 204 35.64 -19.91 12.83
CA CYS A 204 36.89 -19.87 12.06
C CYS A 204 37.95 -19.13 12.83
N ARG A 205 37.59 -18.01 13.48
CA ARG A 205 38.54 -17.23 14.27
C ARG A 205 39.03 -18.02 15.47
N GLN A 206 38.16 -18.87 16.04
CA GLN A 206 38.43 -19.78 17.18
C GLN A 206 39.47 -20.85 16.75
N GLN A 207 39.18 -21.54 15.62
CA GLN A 207 40.01 -22.59 15.04
C GLN A 207 41.40 -22.02 14.78
N LEU A 208 41.45 -20.79 14.24
CA LEU A 208 42.68 -20.08 13.92
C LEU A 208 43.50 -19.78 15.18
N ALA A 209 42.85 -19.31 16.24
CA ALA A 209 43.54 -18.98 17.48
C ALA A 209 44.07 -20.24 18.19
N GLN A 210 43.32 -21.36 18.06
CA GLN A 210 43.64 -22.65 18.66
C GLN A 210 44.82 -23.28 17.95
N LEU A 211 44.85 -23.17 16.60
CA LEU A 211 45.93 -23.72 15.79
C LEU A 211 47.20 -23.01 16.14
N ARG A 212 47.14 -21.67 16.29
CA ARG A 212 48.29 -20.84 16.62
C ARG A 212 48.94 -21.29 17.92
N GLU A 213 48.13 -21.62 18.95
CA GLU A 213 48.62 -22.12 20.24
C GLU A 213 49.29 -23.49 20.05
N GLN A 214 48.65 -24.39 19.28
CA GLN A 214 49.19 -25.71 18.97
C GLN A 214 50.52 -25.63 18.23
N TYR A 215 50.73 -24.60 17.39
CA TYR A 215 51.94 -24.38 16.61
C TYR A 215 52.99 -23.84 17.55
N ASP A 216 52.76 -22.65 18.15
CA ASP A 216 53.68 -21.99 19.08
C ASP A 216 54.29 -22.98 20.09
N LYS A 217 53.42 -23.73 20.83
CA LYS A 217 53.81 -24.72 21.84
C LYS A 217 54.71 -25.80 21.25
N HIS A 218 54.23 -26.50 20.21
CA HIS A 218 54.95 -27.57 19.53
C HIS A 218 56.31 -27.13 18.95
N LEU A 219 56.49 -25.85 18.65
CA LEU A 219 57.80 -25.41 18.16
C LEU A 219 58.73 -25.11 19.29
N LEU A 220 58.19 -24.57 20.41
CA LEU A 220 58.95 -24.31 21.62
C LEU A 220 59.40 -25.66 22.19
N GLU A 221 58.45 -26.62 22.31
CA GLU A 221 58.66 -27.96 22.82
C GLU A 221 59.78 -28.72 22.08
N VAL A 222 59.85 -28.61 20.74
CA VAL A 222 60.88 -29.28 19.92
C VAL A 222 62.18 -28.39 19.85
N GLN A 223 62.77 -28.13 21.06
CA GLN A 223 63.97 -27.33 21.34
C GLN A 223 64.53 -27.68 22.72
N GLY B 17 -11.14 19.39 9.31
CA GLY B 17 -11.55 18.24 10.11
C GLY B 17 -10.39 17.49 10.76
N PHE B 18 -10.44 16.14 10.72
CA PHE B 18 -9.41 15.27 11.32
C PHE B 18 -8.22 15.05 10.38
N ASP B 19 -7.01 15.41 10.86
CA ASP B 19 -5.75 15.28 10.13
C ASP B 19 -5.04 13.94 10.45
N LEU B 20 -5.22 12.94 9.56
CA LEU B 20 -4.63 11.59 9.67
C LEU B 20 -3.09 11.64 9.64
N SER B 21 -2.51 12.82 9.35
CA SER B 21 -1.07 13.07 9.34
C SER B 21 -0.51 13.21 10.77
N THR B 22 -1.13 14.08 11.61
CA THR B 22 -0.73 14.34 13.02
C THR B 22 -1.31 13.31 14.02
N ALA B 23 -2.14 12.38 13.52
CA ALA B 23 -2.82 11.32 14.28
C ALA B 23 -1.87 10.40 15.04
N THR B 24 -2.40 9.72 16.09
CA THR B 24 -1.69 8.76 16.94
C THR B 24 -2.53 7.49 17.06
N THR B 25 -1.93 6.33 16.72
CA THR B 25 -2.62 5.05 16.85
C THR B 25 -2.49 4.57 18.30
N LEU B 26 -3.63 4.24 18.94
CA LEU B 26 -3.62 3.75 20.31
C LEU B 26 -3.88 2.27 20.29
N PHE B 27 -4.57 1.78 19.26
CA PHE B 27 -4.91 0.37 19.13
C PHE B 27 -5.07 0.07 17.67
N TRP B 28 -4.61 -1.10 17.23
CA TRP B 28 -4.69 -1.50 15.83
C TRP B 28 -4.48 -3.00 15.74
N ARG B 29 -5.57 -3.76 15.95
CA ARG B 29 -5.53 -5.22 15.99
C ARG B 29 -6.83 -5.82 15.44
N PRO B 30 -6.81 -7.09 14.91
CA PRO B 30 -8.06 -7.73 14.47
C PRO B 30 -8.81 -8.33 15.65
N VAL B 31 -10.12 -8.15 15.68
CA VAL B 31 -11.02 -8.61 16.74
C VAL B 31 -12.08 -9.54 16.10
N PRO B 32 -12.49 -10.66 16.76
CA PRO B 32 -13.54 -11.49 16.17
C PRO B 32 -14.92 -10.86 16.40
N VAL B 33 -15.55 -10.38 15.32
CA VAL B 33 -16.82 -9.69 15.33
C VAL B 33 -17.96 -10.53 14.70
N HIS B 34 -19.18 -10.46 15.29
CA HIS B 34 -20.39 -11.09 14.80
C HIS B 34 -21.12 -10.03 13.99
N VAL B 35 -21.01 -10.11 12.66
CA VAL B 35 -21.63 -9.14 11.79
C VAL B 35 -23.04 -9.56 11.38
N LYS B 36 -24.02 -8.68 11.68
CA LYS B 36 -25.44 -8.85 11.41
C LYS B 36 -25.90 -7.78 10.41
N GLN B 37 -26.18 -8.20 9.17
CA GLN B 37 -26.57 -7.31 8.07
C GLN B 37 -28.01 -7.59 7.63
N GLN B 38 -28.73 -6.50 7.26
CA GLN B 38 -30.14 -6.46 6.77
C GLN B 38 -30.92 -7.51 5.91
N ASP B 39 -30.35 -8.07 4.90
CA ASP B 39 -30.96 -9.06 4.04
C ASP B 39 -29.85 -10.08 3.72
N ARG B 40 -28.78 -10.10 4.54
CA ARG B 40 -27.67 -11.06 4.42
C ARG B 40 -27.59 -11.94 5.68
N GLU B 41 -26.92 -13.11 5.61
CA GLU B 41 -26.81 -14.06 6.74
C GLU B 41 -25.78 -13.63 7.79
N ASP B 42 -26.05 -13.93 9.09
CA ASP B 42 -25.14 -13.60 10.22
C ASP B 42 -23.80 -14.32 10.01
N VAL B 43 -22.67 -13.61 10.26
CA VAL B 43 -21.34 -14.18 10.06
C VAL B 43 -20.32 -13.76 11.12
N LEU B 44 -19.43 -14.69 11.48
CA LEU B 44 -18.36 -14.39 12.42
C LEU B 44 -17.08 -14.13 11.62
N GLU B 45 -16.74 -12.85 11.51
CA GLU B 45 -15.58 -12.36 10.76
C GLU B 45 -14.53 -11.76 11.71
N GLU B 46 -13.29 -11.68 11.24
CA GLU B 46 -12.19 -11.10 11.98
C GLU B 46 -12.01 -9.71 11.39
N LEU B 47 -12.41 -8.67 12.14
CA LEU B 47 -12.30 -7.29 11.64
C LEU B 47 -11.23 -6.46 12.31
N THR B 48 -10.55 -5.59 11.55
CA THR B 48 -9.48 -4.73 12.06
C THR B 48 -10.06 -3.51 12.75
N PHE B 49 -9.59 -3.25 13.97
CA PHE B 49 -9.99 -2.10 14.76
C PHE B 49 -8.81 -1.19 14.94
N ARG B 50 -8.96 0.08 14.60
CA ARG B 50 -7.92 1.08 14.80
C ARG B 50 -8.48 2.29 15.55
N ILE B 51 -7.88 2.62 16.67
CA ILE B 51 -8.31 3.74 17.48
C ILE B 51 -7.24 4.83 17.30
N LEU B 52 -7.67 5.99 16.73
CA LEU B 52 -6.81 7.15 16.47
C LEU B 52 -7.18 8.38 17.31
N THR B 53 -6.17 9.11 17.79
CA THR B 53 -6.40 10.39 18.48
C THR B 53 -5.50 11.47 17.89
N GLY B 54 -6.08 12.65 17.70
CA GLY B 54 -5.39 13.81 17.15
C GLY B 54 -6.08 15.11 17.48
N VAL B 55 -6.01 16.06 16.52
CA VAL B 55 -6.62 17.41 16.59
C VAL B 55 -7.35 17.76 15.28
N ALA B 56 -8.08 18.89 15.30
CA ALA B 56 -8.78 19.45 14.14
C ALA B 56 -7.82 20.38 13.38
N LYS B 57 -7.93 20.41 12.03
CA LYS B 57 -7.09 21.28 11.18
C LYS B 57 -7.42 22.75 11.55
N GLN B 58 -8.73 23.10 11.54
CA GLN B 58 -9.33 24.40 11.86
C GLN B 58 -8.86 24.95 13.22
N ASN B 59 -8.91 24.10 14.27
CA ASN B 59 -8.51 24.45 15.63
C ASN B 59 -7.60 23.37 16.23
N HIS B 60 -6.33 23.74 16.46
CA HIS B 60 -5.32 22.85 17.03
C HIS B 60 -5.56 22.59 18.55
N ASN B 61 -6.57 23.26 19.15
CA ASN B 61 -6.95 23.11 20.57
C ASN B 61 -8.10 22.10 20.78
N LEU B 62 -8.77 21.66 19.66
CA LEU B 62 -9.87 20.67 19.66
C LEU B 62 -9.36 19.22 19.43
N ARG B 63 -9.29 18.43 20.53
CA ARG B 63 -8.91 17.02 20.56
C ARG B 63 -10.03 16.22 19.90
N ILE B 64 -9.68 15.20 19.08
CA ILE B 64 -10.65 14.33 18.39
C ILE B 64 -10.20 12.87 18.49
N LEU B 65 -11.16 11.95 18.63
CA LEU B 65 -10.94 10.52 18.62
C LEU B 65 -11.64 9.94 17.38
N ARG B 66 -10.97 9.04 16.66
CA ARG B 66 -11.52 8.37 15.49
C ARG B 66 -11.37 6.85 15.65
N ILE B 67 -12.40 6.09 15.20
CA ILE B 67 -12.39 4.64 15.25
C ILE B 67 -12.79 4.11 13.87
N HIS B 68 -11.99 3.12 13.32
CA HIS B 68 -12.28 2.50 12.02
C HIS B 68 -12.44 0.97 12.13
N ILE B 69 -13.55 0.44 11.56
CA ILE B 69 -13.75 -1.01 11.46
C ILE B 69 -13.59 -1.36 9.98
N SER B 70 -12.58 -2.18 9.64
CA SER B 70 -12.30 -2.59 8.28
C SER B 70 -12.01 -4.10 8.20
N SER B 71 -11.86 -4.62 6.96
CA SER B 71 -11.54 -6.02 6.69
C SER B 71 -10.33 -6.09 5.77
N ASP B 72 -9.42 -7.05 5.99
CA ASP B 72 -8.25 -7.27 5.13
C ASP B 72 -8.66 -8.11 3.90
N SER B 73 -9.86 -8.72 3.98
CA SER B 73 -10.48 -9.57 2.97
C SER B 73 -11.45 -8.80 2.05
N ASP B 74 -12.05 -7.67 2.55
CA ASP B 74 -12.91 -6.77 1.77
C ASP B 74 -12.34 -5.36 1.95
N LEU B 75 -11.63 -4.89 0.92
CA LEU B 75 -10.98 -3.59 0.91
C LEU B 75 -11.93 -2.40 0.77
N PHE B 76 -13.23 -2.68 0.54
CA PHE B 76 -14.27 -1.65 0.41
C PHE B 76 -15.07 -1.48 1.68
N PHE B 77 -15.06 -2.53 2.56
CA PHE B 77 -15.76 -2.54 3.85
C PHE B 77 -15.07 -1.58 4.80
N LEU B 78 -15.85 -0.65 5.32
CA LEU B 78 -15.42 0.34 6.28
C LEU B 78 -16.60 0.88 7.08
N HIS B 79 -16.39 1.06 8.38
CA HIS B 79 -17.33 1.65 9.32
C HIS B 79 -16.55 2.60 10.20
N THR B 80 -17.03 3.83 10.32
CA THR B 80 -16.32 4.87 11.07
C THR B 80 -17.12 5.54 12.23
N LEU B 81 -16.43 5.99 13.27
CA LEU B 81 -16.97 6.75 14.43
C LEU B 81 -15.97 7.89 14.67
N GLU B 82 -16.47 9.11 14.96
CA GLU B 82 -15.61 10.28 15.22
C GLU B 82 -16.22 11.21 16.25
N VAL B 83 -15.49 11.47 17.33
CA VAL B 83 -15.97 12.34 18.40
C VAL B 83 -14.87 13.29 18.89
N SER B 84 -15.22 14.60 18.94
CA SER B 84 -14.34 15.68 19.43
C SER B 84 -14.51 15.81 20.93
N GLU B 85 -13.50 16.38 21.63
CA GLU B 85 -13.50 16.60 23.10
C GLU B 85 -14.79 17.31 23.53
N GLU B 86 -15.29 18.22 22.67
CA GLU B 86 -16.53 18.98 22.84
C GLU B 86 -17.77 18.09 22.80
N ASP B 87 -18.08 17.52 21.64
CA ASP B 87 -19.26 16.67 21.43
C ASP B 87 -19.34 15.39 22.30
N PHE B 88 -18.28 15.08 23.07
CA PHE B 88 -18.24 13.88 23.92
C PHE B 88 -19.32 13.86 24.97
N GLN B 89 -19.75 15.06 25.42
CA GLN B 89 -20.81 15.19 26.41
C GLN B 89 -22.16 14.70 25.90
N SER B 90 -22.37 14.79 24.58
CA SER B 90 -23.58 14.30 23.92
C SER B 90 -23.56 12.76 23.96
N LEU B 91 -22.46 12.14 23.44
CA LEU B 91 -22.24 10.70 23.41
C LEU B 91 -22.34 10.10 24.80
N LYS B 92 -21.71 10.76 25.81
CA LYS B 92 -21.67 10.38 27.22
C LYS B 92 -23.08 10.32 27.81
N ASN B 93 -23.89 11.32 27.43
CA ASN B 93 -25.32 11.45 27.75
C ASN B 93 -26.01 10.47 26.82
N ASP B 94 -27.09 9.84 27.28
CA ASP B 94 -27.84 8.77 26.60
C ASP B 94 -27.18 7.40 26.86
N GLN B 95 -25.81 7.32 26.80
CA GLN B 95 -25.08 6.08 27.08
C GLN B 95 -24.93 5.72 28.57
N GLY B 96 -24.65 6.73 29.39
CA GLY B 96 -24.43 6.55 30.82
C GLY B 96 -22.96 6.31 31.13
N ILE B 97 -22.08 6.44 30.07
CA ILE B 97 -20.63 6.27 30.12
C ILE B 97 -20.11 7.06 31.32
N LEU B 98 -19.51 6.37 32.29
CA LEU B 98 -19.00 7.03 33.48
C LEU B 98 -17.74 7.82 33.16
N VAL B 99 -16.83 7.22 32.37
CA VAL B 99 -15.54 7.76 31.97
C VAL B 99 -15.59 9.08 31.18
N ASP B 100 -14.53 9.88 31.28
CA ASP B 100 -14.38 11.13 30.56
C ASP B 100 -13.80 10.82 29.16
N PHE B 101 -13.57 11.87 28.35
CA PHE B 101 -13.02 11.77 26.99
C PHE B 101 -11.64 11.09 26.99
N ALA B 102 -10.68 11.61 27.77
CA ALA B 102 -9.34 11.05 27.83
C ALA B 102 -9.34 9.58 28.23
N SER B 103 -10.25 9.19 29.14
CA SER B 103 -10.39 7.81 29.62
C SER B 103 -11.09 6.85 28.63
N PHE B 104 -11.96 7.38 27.75
CA PHE B 104 -12.76 6.62 26.78
C PHE B 104 -12.03 5.58 25.87
N PRO B 105 -10.90 5.92 25.19
CA PRO B 105 -10.24 4.91 24.36
C PRO B 105 -9.76 3.69 25.16
N GLY B 106 -9.31 3.92 26.39
CA GLY B 106 -8.86 2.88 27.30
C GLY B 106 -9.93 1.87 27.64
N LYS B 107 -11.19 2.36 27.85
CA LYS B 107 -12.37 1.55 28.15
C LYS B 107 -12.63 0.67 26.94
N ILE B 108 -12.52 1.27 25.71
CA ILE B 108 -12.74 0.57 24.44
C ILE B 108 -11.69 -0.55 24.22
N ILE B 109 -10.40 -0.23 24.45
CA ILE B 109 -9.29 -1.16 24.27
C ILE B 109 -9.46 -2.44 25.12
N SER B 110 -9.58 -2.26 26.43
CA SER B 110 -9.74 -3.40 27.35
C SER B 110 -10.89 -4.33 26.95
N LEU B 111 -12.02 -3.75 26.48
CA LEU B 111 -13.19 -4.48 26.05
C LEU B 111 -12.89 -5.26 24.77
N LEU B 112 -12.26 -4.61 23.76
CA LEU B 112 -11.87 -5.29 22.52
C LEU B 112 -10.85 -6.40 22.85
N GLU B 113 -9.99 -6.19 23.90
CA GLU B 113 -9.00 -7.18 24.37
C GLU B 113 -9.66 -8.45 24.93
N LYS B 114 -10.77 -8.27 25.67
CA LYS B 114 -11.60 -9.34 26.24
C LYS B 114 -12.20 -10.19 25.12
N CYS B 115 -12.75 -9.55 24.07
CA CYS B 115 -13.32 -10.23 22.91
C CYS B 115 -12.28 -11.04 22.20
N ILE B 116 -11.07 -10.47 22.06
CA ILE B 116 -9.93 -11.13 21.40
C ILE B 116 -9.58 -12.46 22.10
N LEU B 117 -9.48 -12.44 23.44
CA LEU B 117 -9.12 -13.58 24.28
C LEU B 117 -10.23 -14.58 24.58
N ALA B 118 -11.50 -14.24 24.28
CA ALA B 118 -12.63 -15.13 24.56
C ALA B 118 -12.45 -16.51 23.93
N GLN B 119 -12.72 -17.56 24.74
CA GLN B 119 -12.59 -18.97 24.38
C GLN B 119 -13.97 -19.65 24.30
N PRO B 120 -14.13 -20.76 23.53
CA PRO B 120 -15.48 -21.37 23.36
C PRO B 120 -16.35 -21.66 24.57
N GLY B 121 -15.80 -22.37 25.55
CA GLY B 121 -16.51 -22.76 26.76
C GLY B 121 -16.77 -21.67 27.78
N ASP B 122 -16.31 -20.43 27.50
CA ASP B 122 -16.45 -19.29 28.40
C ASP B 122 -17.92 -18.93 28.71
N SER B 123 -18.12 -18.43 29.93
CA SER B 123 -19.36 -17.92 30.50
C SER B 123 -18.96 -17.37 31.89
N PRO B 124 -18.93 -16.02 32.11
CA PRO B 124 -19.33 -14.94 31.18
C PRO B 124 -18.41 -14.86 29.95
N ARG B 125 -19.03 -14.80 28.76
CA ARG B 125 -18.33 -14.71 27.47
C ARG B 125 -18.46 -13.31 26.86
N PHE B 126 -17.33 -12.68 26.51
CA PHE B 126 -17.32 -11.36 25.89
C PHE B 126 -17.40 -11.49 24.38
N GLN B 127 -18.38 -10.80 23.77
CA GLN B 127 -18.64 -10.87 22.33
C GLN B 127 -18.87 -9.51 21.66
N ALA B 128 -18.17 -9.26 20.54
CA ALA B 128 -18.33 -8.02 19.76
C ALA B 128 -19.38 -8.23 18.67
N VAL B 129 -20.30 -7.26 18.54
CA VAL B 129 -21.40 -7.34 17.58
C VAL B 129 -21.52 -6.06 16.75
N LEU B 130 -21.59 -6.21 15.40
CA LEU B 130 -21.78 -5.10 14.48
C LEU B 130 -23.03 -5.36 13.69
N THR B 131 -24.06 -4.53 13.92
CA THR B 131 -25.37 -4.62 13.27
C THR B 131 -25.46 -3.55 12.20
N ILE B 132 -25.50 -3.96 10.92
CA ILE B 132 -25.61 -3.02 9.82
C ILE B 132 -27.07 -2.89 9.37
N ARG B 133 -27.66 -1.69 9.54
CA ARG B 133 -29.05 -1.33 9.19
C ARG B 133 -29.02 -0.22 8.13
N GLY B 134 -28.60 -0.59 6.94
CA GLY B 134 -28.49 0.31 5.80
C GLY B 134 -27.41 1.38 5.92
N GLY B 135 -27.84 2.61 6.21
CA GLY B 135 -26.99 3.79 6.29
C GLY B 135 -26.42 4.11 7.66
N GLU B 136 -26.71 3.22 8.61
CA GLU B 136 -26.25 3.35 9.98
C GLU B 136 -25.92 1.93 10.47
N SER B 137 -25.02 1.84 11.47
CA SER B 137 -24.58 0.59 12.07
C SER B 137 -24.27 0.77 13.56
N VAL B 138 -24.56 -0.28 14.34
CA VAL B 138 -24.36 -0.23 15.78
C VAL B 138 -23.36 -1.29 16.20
N PHE B 139 -22.27 -0.84 16.85
CA PHE B 139 -21.26 -1.74 17.41
C PHE B 139 -21.42 -1.87 18.92
N LYS B 140 -21.64 -3.10 19.43
CA LYS B 140 -21.75 -3.32 20.87
C LYS B 140 -20.83 -4.45 21.33
N ILE B 141 -20.34 -4.36 22.59
CA ILE B 141 -19.53 -5.39 23.23
C ILE B 141 -20.37 -5.85 24.41
N VAL B 142 -20.75 -7.12 24.37
CA VAL B 142 -21.65 -7.74 25.35
C VAL B 142 -21.01 -8.85 26.19
N GLU B 143 -21.43 -8.95 27.48
CA GLU B 143 -21.04 -9.97 28.44
C GLU B 143 -22.19 -10.99 28.47
N ILE B 144 -21.94 -12.23 28.00
CA ILE B 144 -22.94 -13.31 27.92
C ILE B 144 -22.76 -14.38 29.02
N ASN B 145 -23.66 -14.32 30.05
CA ASN B 145 -23.71 -15.24 31.19
C ASN B 145 -24.99 -16.11 31.03
N ASP B 146 -24.81 -17.26 30.33
CA ASP B 146 -25.85 -18.25 29.98
C ASP B 146 -26.84 -17.39 29.17
N GLU B 147 -28.06 -17.17 29.72
CA GLU B 147 -29.19 -16.59 29.01
C GLU B 147 -28.99 -15.08 28.83
N LYS B 148 -28.75 -14.37 29.95
CA LYS B 148 -28.53 -12.92 30.01
C LYS B 148 -27.38 -12.42 29.14
N GLN B 149 -27.61 -11.26 28.53
CA GLN B 149 -26.65 -10.56 27.69
C GLN B 149 -26.56 -9.11 28.22
N LEU B 150 -25.40 -8.71 28.81
CA LEU B 150 -25.21 -7.36 29.37
C LEU B 150 -24.17 -6.54 28.61
N PRO B 151 -24.61 -5.45 27.95
CA PRO B 151 -23.68 -4.64 27.15
C PRO B 151 -22.79 -3.74 27.97
N HIS B 152 -21.49 -3.75 27.66
CA HIS B 152 -20.49 -2.92 28.34
C HIS B 152 -20.26 -1.63 27.60
N ILE B 153 -20.47 -1.66 26.28
CA ILE B 153 -20.36 -0.52 25.37
C ILE B 153 -21.24 -0.74 24.15
N THR B 154 -21.85 0.34 23.69
CA THR B 154 -22.72 0.38 22.52
C THR B 154 -22.35 1.69 21.83
N LEU B 155 -21.92 1.60 20.56
CA LEU B 155 -21.48 2.75 19.78
C LEU B 155 -22.22 2.86 18.45
N ALA B 156 -22.26 4.08 17.92
CA ALA B 156 -22.91 4.42 16.65
C ALA B 156 -21.86 4.66 15.56
N PHE B 157 -21.81 3.77 14.57
CA PHE B 157 -20.89 3.85 13.45
C PHE B 157 -21.60 4.13 12.14
N ARG B 158 -20.96 4.87 11.25
CA ARG B 158 -21.52 5.13 9.93
C ARG B 158 -20.73 4.33 8.89
N PRO B 159 -21.40 3.45 8.10
CA PRO B 159 -20.68 2.70 7.05
C PRO B 159 -20.25 3.60 5.90
N GLY B 160 -19.57 2.98 4.90
CA GLY B 160 -19.13 3.55 3.62
C GLY B 160 -18.66 4.99 3.74
N ASN B 161 -19.03 5.92 2.82
CA ASN B 161 -19.57 5.99 1.46
C ASN B 161 -18.36 6.01 0.46
N ASP B 162 -18.58 6.23 -0.85
CA ASP B 162 -17.50 6.30 -1.85
C ASP B 162 -16.42 7.34 -1.54
N SER B 163 -16.78 8.56 -1.12
CA SER B 163 -15.83 9.62 -0.81
C SER B 163 -14.99 9.31 0.43
N VAL B 164 -15.60 8.68 1.45
CA VAL B 164 -14.91 8.34 2.69
C VAL B 164 -13.98 7.13 2.52
N VAL B 165 -14.45 6.08 1.82
CA VAL B 165 -13.66 4.88 1.51
C VAL B 165 -12.45 5.29 0.64
N LYS B 166 -12.64 6.22 -0.33
CA LYS B 166 -11.58 6.75 -1.20
C LYS B 166 -10.43 7.34 -0.36
N GLN B 167 -10.73 8.29 0.53
CA GLN B 167 -9.75 8.92 1.40
C GLN B 167 -9.03 7.89 2.31
N PHE B 168 -9.79 6.90 2.85
CA PHE B 168 -9.24 5.86 3.71
C PHE B 168 -8.18 5.03 3.00
N LEU B 169 -8.50 4.56 1.77
CA LEU B 169 -7.62 3.75 0.92
C LEU B 169 -6.39 4.54 0.48
N ALA B 170 -6.51 5.87 0.31
CA ALA B 170 -5.36 6.70 -0.06
C ALA B 170 -4.44 6.80 1.16
N PHE B 171 -5.02 6.83 2.39
CA PHE B 171 -4.26 6.91 3.65
C PHE B 171 -3.52 5.60 3.87
N ARG B 172 -4.24 4.47 3.71
CA ARG B 172 -3.70 3.11 3.84
C ARG B 172 -2.57 2.88 2.88
N LEU B 173 -2.75 3.27 1.62
CA LEU B 173 -1.75 3.10 0.57
C LEU B 173 -0.47 3.85 0.90
N SER B 174 -0.54 5.16 1.18
CA SER B 174 0.70 5.90 1.49
C SER B 174 1.43 5.32 2.71
N GLU B 175 0.65 4.78 3.65
CA GLU B 175 1.08 4.15 4.89
C GLU B 175 1.86 2.86 4.58
N VAL B 176 1.26 1.92 3.83
CA VAL B 176 1.89 0.66 3.41
C VAL B 176 3.11 0.94 2.49
N LYS B 177 2.95 1.83 1.48
CA LYS B 177 4.05 2.27 0.61
C LYS B 177 5.26 2.72 1.44
N GLY B 178 5.00 3.35 2.58
CA GLY B 178 6.03 3.83 3.50
C GLY B 178 6.72 2.74 4.28
N THR B 179 5.96 1.80 4.86
CA THR B 179 6.56 0.70 5.60
C THR B 179 7.28 -0.28 4.66
N CYS B 180 6.92 -0.24 3.38
CA CYS B 180 7.54 -1.00 2.31
C CYS B 180 8.93 -0.43 2.05
N HIS B 181 9.04 0.92 2.01
CA HIS B 181 10.28 1.65 1.80
C HIS B 181 11.31 1.33 2.88
N ASP B 182 10.87 1.34 4.15
CA ASP B 182 11.67 1.03 5.33
C ASP B 182 12.21 -0.40 5.29
N LEU B 183 11.35 -1.37 4.89
CA LEU B 183 11.70 -2.77 4.76
C LEU B 183 12.82 -2.95 3.73
N SER B 184 12.67 -2.26 2.57
CA SER B 184 13.65 -2.24 1.48
C SER B 184 15.01 -1.74 1.98
N ASP B 185 15.04 -0.65 2.77
CA ASP B 185 16.25 -0.06 3.33
C ASP B 185 17.02 -1.04 4.21
N ASP B 186 16.30 -1.76 5.12
CA ASP B 186 16.85 -2.77 6.03
C ASP B 186 17.41 -3.94 5.24
N LEU B 187 16.69 -4.38 4.19
CA LEU B 187 17.12 -5.47 3.33
C LEU B 187 18.45 -5.10 2.64
N SER B 188 18.58 -3.83 2.23
CA SER B 188 19.79 -3.33 1.60
C SER B 188 20.94 -3.41 2.61
N ARG B 189 20.77 -2.78 3.80
CA ARG B 189 21.71 -2.77 4.91
C ARG B 189 22.13 -4.18 5.36
N THR B 190 21.15 -5.11 5.44
CA THR B 190 21.34 -6.50 5.87
C THR B 190 22.16 -7.24 4.84
N ARG B 191 21.82 -7.08 3.54
CA ARG B 191 22.52 -7.71 2.42
C ARG B 191 23.96 -7.23 2.36
N ASP B 192 24.19 -5.91 2.60
CA ASP B 192 25.52 -5.29 2.62
C ASP B 192 26.38 -5.89 3.72
N ASP B 193 25.78 -6.07 4.91
CA ASP B 193 26.45 -6.67 6.06
C ASP B 193 26.80 -8.12 5.78
N ARG B 194 25.83 -8.91 5.26
CA ARG B 194 26.06 -10.31 4.93
C ARG B 194 27.26 -10.45 4.01
N ASP B 195 27.31 -9.63 2.94
CA ASP B 195 28.40 -9.60 1.96
C ASP B 195 29.76 -9.31 2.60
N SER B 196 29.82 -8.38 3.56
CA SER B 196 31.02 -8.06 4.31
C SER B 196 31.49 -9.24 5.20
N MET B 197 30.55 -9.98 5.84
CA MET B 197 30.85 -11.16 6.68
C MET B 197 31.51 -12.29 5.88
N VAL B 198 31.03 -12.53 4.66
CA VAL B 198 31.55 -13.55 3.76
C VAL B 198 33.00 -13.26 3.38
N ALA B 199 33.30 -11.97 3.12
CA ALA B 199 34.65 -11.48 2.81
C ALA B 199 35.58 -11.73 4.03
N GLN B 200 35.07 -11.43 5.25
CA GLN B 200 35.78 -11.62 6.51
C GLN B 200 36.00 -13.12 6.78
N LEU B 201 34.97 -13.97 6.51
CA LEU B 201 35.05 -15.41 6.67
C LEU B 201 36.07 -16.01 5.71
N ALA B 202 36.05 -15.56 4.44
CA ALA B 202 36.98 -16.02 3.41
C ALA B 202 38.43 -15.65 3.76
N GLN B 203 38.66 -14.42 4.28
CA GLN B 203 39.98 -13.93 4.69
C GLN B 203 40.49 -14.76 5.88
N CYS B 204 39.59 -15.08 6.84
CA CYS B 204 39.92 -15.91 8.00
C CYS B 204 40.26 -17.32 7.57
N ARG B 205 39.51 -17.88 6.62
CA ARG B 205 39.75 -19.23 6.11
C ARG B 205 41.08 -19.30 5.39
N GLN B 206 41.49 -18.18 4.74
CA GLN B 206 42.76 -18.01 4.02
C GLN B 206 43.92 -18.02 5.03
N GLN B 207 43.81 -17.17 6.08
CA GLN B 207 44.80 -17.05 7.16
C GLN B 207 45.00 -18.44 7.80
N LEU B 208 43.89 -19.17 8.03
CA LEU B 208 43.89 -20.50 8.61
C LEU B 208 44.63 -21.51 7.73
N ALA B 209 44.38 -21.49 6.41
CA ALA B 209 45.03 -22.41 5.49
C ALA B 209 46.53 -22.10 5.33
N GLN B 210 46.89 -20.80 5.42
CA GLN B 210 48.26 -20.31 5.31
C GLN B 210 49.05 -20.68 6.56
N LEU B 211 48.42 -20.58 7.76
CA LEU B 211 49.06 -20.94 9.02
C LEU B 211 49.36 -22.43 9.00
N ARG B 212 48.42 -23.25 8.52
CA ARG B 212 48.59 -24.69 8.44
C ARG B 212 49.85 -25.05 7.62
N GLU B 213 50.09 -24.35 6.48
CA GLU B 213 51.27 -24.57 5.62
C GLU B 213 52.53 -24.15 6.38
N GLN B 214 52.49 -22.99 7.07
CA GLN B 214 53.59 -22.49 7.89
C GLN B 214 53.94 -23.45 9.02
N TYR B 215 53.01 -24.38 9.37
CA TYR B 215 53.21 -25.41 10.39
C TYR B 215 54.24 -26.45 9.87
N ASP B 216 54.39 -26.62 8.53
CA ASP B 216 55.42 -27.53 7.99
C ASP B 216 56.55 -26.79 7.14
N LYS B 217 57.70 -26.29 7.73
CA LYS B 217 58.22 -26.33 9.12
C LYS B 217 58.48 -27.73 9.73
N HIS B 218 59.32 -28.49 8.99
CA HIS B 218 59.82 -29.84 9.29
C HIS B 218 61.35 -29.81 9.41
#